data_3LQ5
#
_entry.id   3LQ5
#
_cell.length_a   173.249
_cell.length_b   173.249
_cell.length_c   99.241
_cell.angle_alpha   90.00
_cell.angle_beta   90.00
_cell.angle_gamma   120.00
#
_symmetry.space_group_name_H-M   'H 3'
#
loop_
_entity.id
_entity.type
_entity.pdbx_description
1 polymer 'Cell division protein kinase 9'
2 polymer Cyclin-T1
3 non-polymer (2S)-2-({9-(1-methylethyl)-6-[(4-pyridin-2-ylbenzyl)amino]-9H-purin-2-yl}amino)butan-1-ol
4 water water
#
loop_
_entity_poly.entity_id
_entity_poly.type
_entity_poly.pdbx_seq_one_letter_code
_entity_poly.pdbx_strand_id
1 'polypeptide(L)'
;GPAKQYDSVECPFCDEVSKYEKLAKIGQGTFGEVFKARHRKTGQKVALKKVLMENEKEGFPITALREIKILQLLKHENVV
NLIEICRTKASPYNRCKGSIYLVFDFCEHDLAGLLSNVLVKFTLSEIKRVMQMLLNGLYYIHRNKILHRDMKAANVLITR
DGVLKLADFGLARAFSLAKNSQPNRY(TPO)NRVVTLWYRPPELLLGERDYGPPIDLWGAGCIMAEMWTRSPIMQGNTEQ
HQLALISQLCGSITPEVWPNVDNYELYEKLELVKGQKRKVKDRLKAYVRDPYALDLIDKLLVLDPAQRIDSDDALNHDFF
WSDPMPSDLKGMLST
;
A
2 'polypeptide(L)'
;GPEGERKNNNKRWYFTREQLENSPSRRFGVDPDKELSYRQQAANLLQDMGQRLNVSQLTINTAIVYMHRFYMIQSFTRFP
GNSVAPAALFLAAKVEGQPKKLEHVIKVAHTCLHPQESLPDTRSEAYLQQVQDLVILESIILQTLGFELTIDHPHTHVVK
CTQLVRASKDLAQTSYFMATNSLHLTTFSLQYTPPVVACVCIHLACKWSNWEIPVSTDGKHWWEYVDATVTLELLDELTH
ELLQILEKTPNRLKRIWNWR
;
B
#
# COMPACT_ATOMS: atom_id res chain seq x y z
N ASP A 7 -3.57 3.80 34.22
CA ASP A 7 -3.33 4.98 33.39
C ASP A 7 -3.72 4.76 31.93
N SER A 8 -4.02 5.86 31.24
CA SER A 8 -4.49 5.82 29.86
C SER A 8 -3.49 6.52 28.94
N VAL A 9 -3.49 6.16 27.66
CA VAL A 9 -2.57 6.76 26.70
C VAL A 9 -3.26 7.73 25.73
N GLU A 10 -2.56 8.81 25.40
CA GLU A 10 -3.02 9.82 24.45
C GLU A 10 -3.14 9.23 23.04
N CYS A 11 -4.24 9.51 22.34
CA CYS A 11 -4.45 8.97 20.98
C CYS A 11 -5.39 9.78 20.10
N PRO A 12 -4.89 10.91 19.57
CA PRO A 12 -5.59 11.92 18.78
C PRO A 12 -6.09 11.47 17.42
N PHE A 13 -5.46 10.47 16.80
CA PHE A 13 -5.87 10.06 15.46
C PHE A 13 -6.35 8.63 15.34
N CYS A 14 -6.84 8.06 16.43
CA CYS A 14 -7.49 6.77 16.35
C CYS A 14 -8.64 6.85 17.29
N ASP A 15 -9.84 6.77 16.73
CA ASP A 15 -11.03 6.91 17.53
C ASP A 15 -11.48 5.54 17.98
N GLU A 16 -12.08 5.48 19.16
CA GLU A 16 -12.62 4.22 19.64
C GLU A 16 -13.86 3.92 18.82
N VAL A 17 -13.88 2.73 18.24
CA VAL A 17 -14.96 2.27 17.37
C VAL A 17 -16.33 2.28 18.07
N SER A 18 -16.36 2.60 19.35
CA SER A 18 -17.61 2.65 20.09
C SER A 18 -18.47 3.81 19.60
N LYS A 19 -17.97 4.58 18.64
CA LYS A 19 -18.68 5.75 18.19
C LYS A 19 -19.64 5.34 17.11
N TYR A 20 -19.52 4.07 16.72
CA TYR A 20 -20.48 3.41 15.85
C TYR A 20 -21.27 2.41 16.67
N GLU A 21 -22.50 2.18 16.25
CA GLU A 21 -23.31 1.16 16.88
C GLU A 21 -23.44 0.05 15.86
N LYS A 22 -23.02 -1.16 16.23
CA LYS A 22 -23.18 -2.29 15.32
C LYS A 22 -24.66 -2.56 14.99
N LEU A 23 -24.91 -3.11 13.81
CA LEU A 23 -26.28 -3.36 13.39
C LEU A 23 -26.53 -4.77 12.86
N ALA A 24 -25.50 -5.36 12.25
CA ALA A 24 -25.68 -6.68 11.67
C ALA A 24 -24.40 -7.21 11.06
N LYS A 25 -24.17 -8.52 11.18
CA LYS A 25 -23.09 -9.16 10.46
C LYS A 25 -23.40 -9.12 8.97
N ILE A 26 -22.40 -9.15 8.11
CA ILE A 26 -22.64 -9.23 6.68
C ILE A 26 -21.62 -10.08 5.89
N GLY A 27 -20.47 -10.36 6.51
CA GLY A 27 -19.47 -11.26 5.95
C GLY A 27 -18.63 -11.88 7.06
N GLN A 28 -17.77 -12.86 6.76
CA GLN A 28 -17.54 -13.46 5.43
C GLN A 28 -16.78 -12.56 4.45
N PHE A 31 -13.08 -14.25 5.22
CA PHE A 31 -12.25 -13.16 5.74
C PHE A 31 -12.87 -11.77 5.47
N GLY A 32 -13.33 -11.11 6.53
CA GLY A 32 -13.26 -11.68 7.87
C GLY A 32 -14.59 -11.58 8.61
N GLU A 33 -14.61 -10.71 9.61
CA GLU A 33 -15.83 -10.44 10.38
C GLU A 33 -16.31 -8.99 10.16
N VAL A 34 -17.40 -8.84 9.40
CA VAL A 34 -17.79 -7.56 8.80
C VAL A 34 -19.23 -7.13 9.13
N PHE A 35 -19.38 -5.99 9.83
CA PHE A 35 -20.68 -5.48 10.28
C PHE A 35 -21.13 -4.21 9.57
N LYS A 36 -22.43 -4.10 9.34
CA LYS A 36 -23.02 -2.81 9.07
C LYS A 36 -23.08 -2.08 10.41
N ALA A 37 -22.92 -0.77 10.41
CA ALA A 37 -23.03 -0.01 11.64
C ALA A 37 -23.44 1.43 11.39
N ARG A 38 -23.87 2.09 12.45
CA ARG A 38 -24.40 3.43 12.34
C ARG A 38 -23.68 4.37 13.28
N HIS A 39 -23.29 5.51 12.76
CA HIS A 39 -22.57 6.49 13.55
C HIS A 39 -23.52 7.09 14.57
N ARG A 40 -23.20 6.94 15.84
CA ARG A 40 -24.12 7.32 16.91
C ARG A 40 -24.65 8.74 16.82
N LYS A 41 -23.95 9.62 16.11
CA LYS A 41 -24.31 11.03 16.16
C LYS A 41 -25.02 11.55 14.91
N THR A 42 -24.78 10.90 13.78
CA THR A 42 -25.21 11.42 12.48
C THR A 42 -26.07 10.44 11.70
N GLY A 43 -25.95 9.17 12.07
CA GLY A 43 -26.75 8.15 11.44
C GLY A 43 -26.01 7.56 10.26
N GLN A 44 -24.95 8.23 9.84
CA GLN A 44 -24.18 7.70 8.72
C GLN A 44 -23.97 6.21 8.87
N LYS A 45 -24.37 5.43 7.86
CA LYS A 45 -24.10 4.01 7.88
C LYS A 45 -22.68 3.72 7.38
N VAL A 46 -22.06 2.69 7.94
CA VAL A 46 -20.70 2.33 7.57
C VAL A 46 -20.57 0.82 7.60
N ALA A 47 -19.48 0.30 7.03
CA ALA A 47 -19.12 -1.09 7.22
C ALA A 47 -17.84 -1.15 8.02
N LEU A 48 -17.76 -2.06 8.98
CA LEU A 48 -16.54 -2.25 9.77
C LEU A 48 -15.98 -3.64 9.55
N LYS A 49 -14.74 -3.72 9.08
CA LYS A 49 -13.99 -4.97 9.04
C LYS A 49 -13.11 -5.03 10.27
N LYS A 50 -13.34 -6.00 11.14
CA LYS A 50 -12.41 -6.23 12.25
C LYS A 50 -11.12 -6.80 11.67
N VAL A 51 -9.98 -6.42 12.21
CA VAL A 51 -8.72 -7.09 11.89
C VAL A 51 -8.47 -8.24 12.86
N LEU A 52 -8.42 -9.44 12.27
CA LEU A 52 -8.36 -10.70 13.01
C LEU A 52 -6.96 -10.99 13.55
N MET A 53 -6.77 -10.80 14.85
CA MET A 53 -5.47 -11.01 15.48
C MET A 53 -5.34 -12.43 16.02
N GLU A 54 -6.04 -13.36 15.37
CA GLU A 54 -6.01 -14.76 15.75
C GLU A 54 -5.00 -15.52 14.89
N ASN A 55 -4.15 -16.30 15.55
CA ASN A 55 -3.09 -17.02 14.86
C ASN A 55 -2.06 -16.02 14.33
N GLU A 56 -2.03 -14.84 14.96
CA GLU A 56 -1.11 -13.79 14.56
C GLU A 56 -0.01 -13.61 15.60
N LYS A 57 1.13 -14.22 15.32
CA LYS A 57 2.19 -14.32 16.30
C LYS A 57 3.35 -13.41 15.92
N GLU A 58 3.10 -12.55 14.95
CA GLU A 58 4.12 -11.67 14.44
C GLU A 58 3.70 -10.20 14.52
N GLY A 59 3.02 -9.85 15.61
CA GLY A 59 2.44 -8.53 15.73
C GLY A 59 1.35 -8.29 14.69
N PHE A 60 0.99 -7.01 14.54
CA PHE A 60 -0.02 -6.57 13.56
C PHE A 60 0.24 -7.09 12.14
N PRO A 61 -0.76 -7.78 11.57
CA PRO A 61 -0.59 -8.60 10.37
C PRO A 61 -0.10 -7.82 9.17
N ILE A 62 1.01 -8.27 8.60
CA ILE A 62 1.59 -7.62 7.45
C ILE A 62 0.57 -7.38 6.31
N THR A 63 -0.27 -8.36 6.04
CA THR A 63 -1.22 -8.24 4.94
C THR A 63 -2.23 -7.14 5.21
N ALA A 64 -2.61 -6.99 6.47
CA ALA A 64 -3.48 -5.89 6.88
C ALA A 64 -2.80 -4.55 6.59
N LEU A 65 -1.48 -4.50 6.77
CA LEU A 65 -0.71 -3.30 6.51
C LEU A 65 -0.68 -3.01 5.04
N ARG A 66 -0.50 -4.07 4.26
CA ARG A 66 -0.55 -4.00 2.81
C ARG A 66 -1.86 -3.40 2.34
N GLU A 67 -2.96 -4.01 2.77
CA GLU A 67 -4.30 -3.60 2.39
C GLU A 67 -4.53 -2.15 2.76
N ILE A 68 -4.28 -1.82 4.02
CA ILE A 68 -4.37 -0.44 4.47
C ILE A 68 -3.45 0.49 3.70
N LYS A 69 -2.35 -0.03 3.17
CA LYS A 69 -1.48 0.84 2.40
C LYS A 69 -2.26 1.20 1.15
N ILE A 70 -2.77 0.16 0.52
CA ILE A 70 -3.41 0.26 -0.78
C ILE A 70 -4.72 1.06 -0.75
N LEU A 71 -5.52 0.89 0.30
CA LEU A 71 -6.81 1.58 0.42
C LEU A 71 -6.65 3.06 0.64
N GLN A 72 -5.50 3.45 1.18
CA GLN A 72 -5.23 4.84 1.46
C GLN A 72 -4.78 5.51 0.20
N LEU A 73 -4.37 4.68 -0.74
CA LEU A 73 -3.78 5.17 -1.97
C LEU A 73 -4.84 5.24 -3.07
N LEU A 74 -5.67 4.21 -3.14
CA LEU A 74 -6.74 4.15 -4.11
C LEU A 74 -7.92 4.98 -3.66
N LYS A 75 -8.09 6.14 -4.27
CA LYS A 75 -9.20 7.03 -3.97
C LYS A 75 -9.96 7.37 -5.24
N HIS A 76 -11.14 6.79 -5.41
CA HIS A 76 -11.80 6.83 -6.69
C HIS A 76 -13.25 6.31 -6.60
N GLU A 77 -14.12 6.91 -7.40
CA GLU A 77 -15.58 6.73 -7.29
C GLU A 77 -16.03 5.30 -7.48
N ASN A 78 -15.16 4.50 -8.07
CA ASN A 78 -15.44 3.09 -8.32
C ASN A 78 -14.61 2.14 -7.44
N VAL A 79 -13.92 2.71 -6.47
CA VAL A 79 -13.21 1.90 -5.54
C VAL A 79 -13.72 2.16 -4.14
N VAL A 80 -14.01 1.06 -3.46
CA VAL A 80 -14.47 1.12 -2.10
C VAL A 80 -13.61 2.12 -1.35
N ASN A 81 -14.19 2.76 -0.32
CA ASN A 81 -13.55 3.89 0.35
C ASN A 81 -13.29 3.66 1.84
N LEU A 82 -12.01 3.62 2.20
CA LEU A 82 -11.66 3.46 3.61
C LEU A 82 -11.73 4.82 4.28
N ILE A 83 -12.73 5.01 5.14
CA ILE A 83 -12.96 6.28 5.84
C ILE A 83 -11.94 6.56 6.91
N GLU A 84 -11.69 5.56 7.74
CA GLU A 84 -10.75 5.68 8.83
C GLU A 84 -10.46 4.32 9.46
N ILE A 85 -9.57 4.30 10.44
CA ILE A 85 -9.30 3.08 11.18
C ILE A 85 -9.53 3.35 12.65
N CYS A 86 -10.13 2.38 13.33
CA CYS A 86 -10.57 2.53 14.71
C CYS A 86 -10.05 1.43 15.59
N ARG A 87 -9.99 1.72 16.89
CA ARG A 87 -9.55 0.79 17.90
C ARG A 87 -10.67 0.50 18.90
N THR A 88 -10.42 -0.45 19.78
CA THR A 88 -11.27 -0.67 20.95
C THR A 88 -10.53 -0.10 22.15
N LYS A 89 -11.19 -0.01 23.29
CA LYS A 89 -10.51 0.53 24.49
C LYS A 89 -10.21 -0.54 25.54
N GLY A 98 -7.23 -6.66 22.79
CA GLY A 98 -7.61 -5.47 22.05
C GLY A 98 -7.35 -5.55 20.55
N SER A 99 -8.28 -5.01 19.75
CA SER A 99 -8.21 -5.11 18.29
C SER A 99 -8.46 -3.82 17.50
N ILE A 100 -8.70 -3.96 16.20
CA ILE A 100 -8.63 -2.85 15.27
C ILE A 100 -9.64 -3.01 14.13
N TYR A 101 -10.41 -1.96 13.85
CA TYR A 101 -11.44 -2.02 12.81
C TYR A 101 -11.16 -1.07 11.63
N LEU A 102 -11.22 -1.61 10.41
CA LEU A 102 -11.26 -0.80 9.20
C LEU A 102 -12.68 -0.27 9.00
N VAL A 103 -12.81 1.01 8.66
CA VAL A 103 -14.14 1.60 8.53
C VAL A 103 -14.40 2.14 7.14
N PHE A 104 -15.35 1.54 6.44
CA PHE A 104 -15.72 1.97 5.08
C PHE A 104 -17.08 2.67 5.01
N ASP A 105 -17.33 3.33 3.89
CA ASP A 105 -18.68 3.76 3.57
C ASP A 105 -19.46 2.48 3.42
N PHE A 106 -20.76 2.49 3.71
CA PHE A 106 -21.54 1.27 3.56
C PHE A 106 -22.15 1.21 2.18
N CYS A 107 -22.02 0.06 1.52
CA CYS A 107 -22.67 -0.19 0.22
C CYS A 107 -23.90 -1.09 0.32
N GLU A 108 -25.00 -0.63 -0.27
CA GLU A 108 -26.32 -1.20 0.02
C GLU A 108 -26.52 -2.57 -0.62
N HIS A 109 -25.79 -2.83 -1.71
CA HIS A 109 -25.96 -4.06 -2.46
C HIS A 109 -24.63 -4.68 -2.81
N ASP A 110 -24.64 -5.96 -3.17
CA ASP A 110 -23.51 -6.50 -3.91
C ASP A 110 -23.94 -7.38 -5.06
N LEU A 111 -23.20 -7.25 -6.15
CA LEU A 111 -23.56 -7.77 -7.45
C LEU A 111 -23.90 -9.25 -7.43
N ALA A 112 -23.36 -9.98 -6.47
CA ALA A 112 -23.68 -11.41 -6.36
C ALA A 112 -25.16 -11.57 -5.95
N GLY A 113 -25.52 -10.91 -4.86
CA GLY A 113 -26.87 -10.97 -4.32
C GLY A 113 -27.90 -10.33 -5.23
N LEU A 114 -27.42 -9.56 -6.20
CA LEU A 114 -28.30 -9.00 -7.22
C LEU A 114 -28.55 -9.98 -8.34
N LEU A 115 -27.55 -10.78 -8.64
CA LEU A 115 -27.63 -11.71 -9.76
C LEU A 115 -28.37 -12.98 -9.39
N SER A 116 -28.45 -13.27 -8.09
CA SER A 116 -29.17 -14.43 -7.60
C SER A 116 -30.66 -14.12 -7.48
N ASN A 117 -30.98 -13.06 -6.73
CA ASN A 117 -32.36 -12.59 -6.61
C ASN A 117 -32.99 -12.47 -8.01
N VAL A 118 -34.16 -13.08 -8.19
CA VAL A 118 -34.71 -13.23 -9.54
C VAL A 118 -35.67 -12.11 -9.94
N LEU A 119 -36.11 -11.29 -8.99
CA LEU A 119 -36.94 -10.12 -9.30
C LEU A 119 -36.08 -9.00 -9.91
N VAL A 120 -34.82 -8.96 -9.51
CA VAL A 120 -33.90 -7.99 -10.05
C VAL A 120 -33.74 -8.25 -11.54
N LYS A 121 -33.83 -7.21 -12.36
CA LYS A 121 -33.72 -7.38 -13.81
C LYS A 121 -32.93 -6.25 -14.47
N PHE A 122 -32.12 -6.61 -15.47
CA PHE A 122 -31.20 -5.66 -16.09
C PHE A 122 -31.54 -5.38 -17.54
N THR A 123 -31.66 -4.10 -17.86
CA THR A 123 -31.76 -3.68 -19.26
C THR A 123 -30.35 -3.65 -19.86
N LEU A 124 -30.25 -3.64 -21.18
CA LEU A 124 -28.95 -3.52 -21.82
C LEU A 124 -28.23 -2.24 -21.41
N SER A 125 -28.98 -1.15 -21.26
CA SER A 125 -28.41 0.14 -20.90
C SER A 125 -27.81 0.09 -19.50
N GLU A 126 -28.51 -0.58 -18.59
CA GLU A 126 -28.04 -0.74 -17.23
C GLU A 126 -26.77 -1.60 -17.17
N ILE A 127 -26.75 -2.66 -17.97
CA ILE A 127 -25.58 -3.54 -18.03
C ILE A 127 -24.35 -2.86 -18.61
N LYS A 128 -24.51 -2.16 -19.72
CA LYS A 128 -23.39 -1.44 -20.30
C LYS A 128 -22.76 -0.57 -19.22
N ARG A 129 -23.60 0.00 -18.36
CA ARG A 129 -23.15 0.95 -17.35
C ARG A 129 -22.32 0.27 -16.28
N VAL A 130 -22.90 -0.74 -15.67
CA VAL A 130 -22.18 -1.55 -14.70
C VAL A 130 -20.79 -1.91 -15.18
N MET A 131 -20.71 -2.47 -16.38
CA MET A 131 -19.42 -2.88 -16.95
C MET A 131 -18.51 -1.69 -17.13
N GLN A 132 -19.10 -0.58 -17.53
CA GLN A 132 -18.32 0.60 -17.76
C GLN A 132 -17.67 1.05 -16.46
N MET A 133 -18.47 1.20 -15.40
CA MET A 133 -17.94 1.56 -14.08
C MET A 133 -16.87 0.57 -13.62
N LEU A 134 -17.09 -0.71 -13.89
CA LEU A 134 -16.16 -1.73 -13.43
C LEU A 134 -14.85 -1.71 -14.20
N LEU A 135 -14.91 -1.58 -15.51
CA LEU A 135 -13.69 -1.41 -16.32
C LEU A 135 -12.94 -0.10 -16.00
N ASN A 136 -13.68 0.92 -15.58
CA ASN A 136 -13.04 2.15 -15.18
C ASN A 136 -12.33 1.96 -13.84
N GLY A 137 -13.04 1.35 -12.90
CA GLY A 137 -12.46 1.03 -11.61
C GLY A 137 -11.16 0.29 -11.77
N LEU A 138 -11.12 -0.67 -12.70
CA LEU A 138 -9.88 -1.39 -12.99
C LEU A 138 -8.79 -0.49 -13.55
N TYR A 139 -9.05 0.19 -14.67
CA TYR A 139 -8.11 1.14 -15.25
C TYR A 139 -7.44 1.97 -14.16
N TYR A 140 -8.22 2.40 -13.18
CA TYR A 140 -7.69 3.29 -12.18
C TYR A 140 -6.62 2.63 -11.37
N ILE A 141 -6.91 1.42 -10.88
CA ILE A 141 -6.03 0.76 -9.93
C ILE A 141 -4.79 0.22 -10.63
N HIS A 142 -4.99 -0.30 -11.83
CA HIS A 142 -3.88 -0.70 -12.68
C HIS A 142 -2.95 0.46 -12.97
N ARG A 143 -3.53 1.62 -13.28
CA ARG A 143 -2.79 2.86 -13.51
C ARG A 143 -1.98 3.23 -12.28
N ASN A 144 -2.48 2.78 -11.12
CA ASN A 144 -1.83 3.04 -9.85
C ASN A 144 -1.00 1.87 -9.40
N LYS A 145 -0.64 1.02 -10.36
CA LYS A 145 0.29 -0.06 -10.11
C LYS A 145 -0.23 -1.07 -9.11
N ILE A 146 -1.55 -1.15 -8.96
CA ILE A 146 -2.13 -2.16 -8.07
C ILE A 146 -2.81 -3.28 -8.87
N LEU A 147 -2.60 -4.53 -8.44
CA LEU A 147 -3.36 -5.68 -8.93
C LEU A 147 -4.40 -6.11 -7.89
N HIS A 148 -5.66 -6.27 -8.29
CA HIS A 148 -6.71 -6.57 -7.31
C HIS A 148 -6.66 -8.02 -6.85
N ARG A 149 -6.46 -8.92 -7.81
CA ARG A 149 -6.19 -10.33 -7.54
C ARG A 149 -7.34 -11.09 -6.91
N ASP A 150 -8.52 -10.49 -6.90
CA ASP A 150 -9.67 -11.18 -6.37
C ASP A 150 -10.96 -10.80 -7.10
N MET A 151 -10.89 -10.78 -8.42
CA MET A 151 -12.08 -10.49 -9.21
C MET A 151 -13.15 -11.54 -8.99
N LYS A 152 -14.35 -11.09 -8.67
CA LYS A 152 -15.52 -11.95 -8.57
C LYS A 152 -16.72 -11.11 -8.22
N ALA A 153 -17.87 -11.45 -8.77
CA ALA A 153 -19.06 -10.64 -8.56
C ALA A 153 -19.27 -10.31 -7.08
N ALA A 154 -18.93 -11.23 -6.21
CA ALA A 154 -19.20 -11.03 -4.79
C ALA A 154 -18.42 -9.85 -4.20
N ASN A 155 -17.42 -9.37 -4.94
CA ASN A 155 -16.53 -8.28 -4.51
C ASN A 155 -16.82 -6.97 -5.25
N VAL A 156 -17.94 -6.96 -5.94
CA VAL A 156 -18.35 -5.82 -6.74
C VAL A 156 -19.62 -5.27 -6.10
N LEU A 157 -19.49 -4.24 -5.30
CA LEU A 157 -20.65 -3.71 -4.58
C LEU A 157 -21.31 -2.65 -5.41
N ILE A 158 -22.62 -2.46 -5.20
CA ILE A 158 -23.30 -1.30 -5.75
C ILE A 158 -24.00 -0.48 -4.68
N THR A 159 -24.01 0.84 -4.88
CA THR A 159 -24.61 1.74 -3.92
C THR A 159 -26.04 2.14 -4.31
N ARG A 160 -26.86 2.47 -3.31
CA ARG A 160 -28.24 2.88 -3.52
C ARG A 160 -28.39 3.87 -4.68
N ASP A 161 -27.52 4.89 -4.74
CA ASP A 161 -27.59 5.87 -5.82
C ASP A 161 -27.01 5.34 -7.12
N GLY A 162 -26.75 4.02 -7.16
CA GLY A 162 -26.38 3.33 -8.39
C GLY A 162 -24.93 3.37 -8.87
N VAL A 163 -23.99 3.61 -7.96
CA VAL A 163 -22.58 3.71 -8.31
C VAL A 163 -21.88 2.43 -7.89
N LEU A 164 -21.03 1.91 -8.76
CA LEU A 164 -20.31 0.67 -8.50
C LEU A 164 -18.97 0.84 -7.75
N LYS A 165 -18.69 -0.07 -6.84
CA LYS A 165 -17.44 -0.02 -6.12
C LYS A 165 -16.78 -1.40 -6.13
N LEU A 166 -15.45 -1.45 -6.24
CA LEU A 166 -14.71 -2.71 -6.13
C LEU A 166 -14.25 -2.87 -4.68
N ALA A 167 -14.16 -4.12 -4.21
CA ALA A 167 -13.89 -4.34 -2.79
C ALA A 167 -12.97 -5.52 -2.49
N ASP A 168 -12.64 -5.68 -1.21
CA ASP A 168 -11.68 -6.68 -0.75
C ASP A 168 -10.34 -6.49 -1.43
N PHE A 169 -9.56 -5.56 -0.89
CA PHE A 169 -8.18 -5.43 -1.33
C PHE A 169 -7.28 -6.21 -0.39
N GLY A 170 -7.88 -7.25 0.17
CA GLY A 170 -7.21 -8.11 1.12
C GLY A 170 -6.16 -8.91 0.40
N LEU A 171 -6.40 -9.17 -0.88
CA LEU A 171 -5.45 -9.94 -1.68
C LEU A 171 -4.68 -9.07 -2.65
N ALA A 172 -5.11 -7.82 -2.82
CA ALA A 172 -4.41 -6.89 -3.69
C ALA A 172 -2.94 -6.80 -3.32
N ARG A 173 -2.10 -6.47 -4.29
CA ARG A 173 -0.68 -6.22 -4.09
C ARG A 173 -0.22 -5.24 -5.19
N ALA A 174 0.88 -4.53 -4.95
CA ALA A 174 1.41 -3.65 -5.98
C ALA A 174 2.23 -4.41 -7.01
N PHE A 175 2.39 -3.83 -8.20
CA PHE A 175 3.19 -4.48 -9.24
C PHE A 175 4.09 -3.48 -9.98
N SER A 176 5.12 -4.00 -10.64
CA SER A 176 6.12 -3.17 -11.32
C SER A 176 6.65 -3.84 -12.59
N LEU A 177 7.71 -3.27 -13.14
CA LEU A 177 8.27 -3.76 -14.40
C LEU A 177 9.67 -4.36 -14.20
N ALA A 178 10.02 -4.63 -12.95
CA ALA A 178 11.30 -5.23 -12.61
C ALA A 178 11.57 -6.49 -13.42
N PRO A 183 13.09 -10.63 -13.91
CA PRO A 183 11.62 -10.78 -13.99
C PRO A 183 11.02 -10.96 -12.60
N ASN A 184 9.72 -10.67 -12.49
CA ASN A 184 9.02 -10.69 -11.20
C ASN A 184 8.85 -12.11 -10.66
N ARG A 185 8.50 -12.19 -9.38
CA ARG A 185 8.23 -13.46 -8.73
C ARG A 185 7.02 -13.34 -7.80
N TYR A 186 5.86 -12.99 -8.35
CA TYR A 186 4.63 -12.81 -7.55
C TYR A 186 4.01 -14.16 -7.25
N ASN A 188 1.48 -17.31 -6.74
CA ASN A 188 0.55 -17.90 -7.70
C ASN A 188 -0.83 -18.28 -7.14
N ARG A 189 -0.90 -18.52 -5.84
CA ARG A 189 -2.11 -19.01 -5.18
C ARG A 189 -3.22 -17.95 -5.06
N VAL A 190 -3.42 -17.15 -6.09
CA VAL A 190 -4.41 -16.06 -6.01
C VAL A 190 -5.64 -16.23 -6.90
N VAL A 191 -6.71 -15.53 -6.52
CA VAL A 191 -7.98 -15.54 -7.25
C VAL A 191 -8.81 -16.80 -7.04
N THR A 192 -10.04 -16.61 -6.55
CA THR A 192 -11.06 -17.65 -6.53
C THR A 192 -10.94 -18.51 -7.78
N LEU A 193 -11.05 -19.82 -7.62
CA LEU A 193 -10.90 -20.72 -8.75
C LEU A 193 -11.75 -20.32 -9.99
N TRP A 194 -13.05 -20.19 -9.83
CA TRP A 194 -13.93 -19.96 -10.98
C TRP A 194 -13.58 -18.71 -11.80
N TYR A 195 -12.77 -17.82 -11.23
CA TYR A 195 -12.38 -16.60 -11.92
C TYR A 195 -10.89 -16.52 -12.18
N ARG A 196 -10.15 -17.55 -11.80
CA ARG A 196 -8.72 -17.55 -12.03
C ARG A 196 -8.49 -17.70 -13.51
N PRO A 197 -7.50 -16.96 -14.04
CA PRO A 197 -7.11 -17.01 -15.45
C PRO A 197 -6.35 -18.28 -15.75
N PRO A 198 -6.18 -18.60 -17.04
CA PRO A 198 -5.35 -19.74 -17.45
C PRO A 198 -3.93 -19.51 -16.97
N GLU A 199 -3.33 -18.43 -17.42
CA GLU A 199 -2.00 -18.00 -17.01
C GLU A 199 -1.61 -18.48 -15.61
N LEU A 200 -2.49 -18.24 -14.65
CA LEU A 200 -2.22 -18.59 -13.26
C LEU A 200 -2.21 -20.10 -13.04
N LEU A 201 -3.22 -20.78 -13.58
CA LEU A 201 -3.33 -22.23 -13.44
C LEU A 201 -2.12 -22.94 -13.97
N LEU A 202 -1.41 -22.33 -14.93
CA LEU A 202 -0.17 -22.91 -15.47
C LEU A 202 1.05 -22.47 -14.66
N GLY A 203 0.84 -22.09 -13.41
CA GLY A 203 1.94 -21.80 -12.49
C GLY A 203 2.71 -20.54 -12.77
N GLU A 204 2.08 -19.58 -13.45
CA GLU A 204 2.76 -18.33 -13.75
C GLU A 204 2.96 -17.45 -12.50
N ARG A 205 4.18 -16.93 -12.35
CA ARG A 205 4.51 -16.07 -11.22
C ARG A 205 4.94 -14.68 -11.68
N ASP A 206 4.96 -14.46 -12.99
CA ASP A 206 5.25 -13.15 -13.54
C ASP A 206 4.08 -12.67 -14.39
N TYR A 207 3.01 -12.25 -13.71
CA TYR A 207 1.82 -11.80 -14.41
C TYR A 207 1.55 -10.34 -14.10
N GLY A 208 0.40 -9.86 -14.55
CA GLY A 208 0.00 -8.47 -14.34
C GLY A 208 -1.48 -8.25 -14.58
N PRO A 209 -1.84 -7.01 -14.91
CA PRO A 209 -3.23 -6.62 -15.09
C PRO A 209 -4.11 -7.64 -15.81
N PRO A 210 -3.60 -8.27 -16.87
CA PRO A 210 -4.57 -9.08 -17.63
C PRO A 210 -5.27 -10.16 -16.82
N ILE A 211 -4.80 -10.43 -15.60
CA ILE A 211 -5.49 -11.41 -14.75
C ILE A 211 -6.80 -10.85 -14.20
N ASP A 212 -6.81 -9.54 -13.97
CA ASP A 212 -8.01 -8.90 -13.44
C ASP A 212 -9.04 -8.77 -14.56
N LEU A 213 -8.56 -8.67 -15.79
CA LEU A 213 -9.44 -8.44 -16.92
C LEU A 213 -10.11 -9.72 -17.34
N TRP A 214 -9.49 -10.84 -17.00
CA TRP A 214 -10.12 -12.14 -17.16
C TRP A 214 -11.31 -12.23 -16.23
N GLY A 215 -11.10 -11.95 -14.95
CA GLY A 215 -12.20 -11.85 -14.02
C GLY A 215 -13.37 -11.07 -14.61
N ALA A 216 -13.11 -9.85 -15.04
CA ALA A 216 -14.15 -9.00 -15.59
C ALA A 216 -14.92 -9.68 -16.72
N GLY A 217 -14.22 -10.42 -17.56
CA GLY A 217 -14.88 -11.20 -18.60
C GLY A 217 -15.93 -12.14 -18.01
N CYS A 218 -15.54 -12.87 -16.97
CA CYS A 218 -16.44 -13.82 -16.33
C CYS A 218 -17.65 -13.15 -15.74
N ILE A 219 -17.41 -12.01 -15.10
CA ILE A 219 -18.47 -11.28 -14.47
C ILE A 219 -19.37 -10.69 -15.54
N MET A 220 -18.78 -10.22 -16.63
CA MET A 220 -19.57 -9.68 -17.73
C MET A 220 -20.57 -10.72 -18.23
N ALA A 221 -20.14 -11.96 -18.32
CA ALA A 221 -21.03 -13.03 -18.72
C ALA A 221 -22.07 -13.26 -17.63
N GLU A 222 -21.61 -13.37 -16.40
CA GLU A 222 -22.46 -13.63 -15.27
C GLU A 222 -23.63 -12.63 -15.21
N MET A 223 -23.60 -11.62 -16.06
CA MET A 223 -24.64 -10.59 -16.09
C MET A 223 -25.87 -11.04 -16.87
N TRP A 224 -25.67 -11.99 -17.77
CA TRP A 224 -26.77 -12.51 -18.58
C TRP A 224 -27.15 -13.90 -18.14
N THR A 225 -26.36 -14.47 -17.24
CA THR A 225 -26.52 -15.89 -16.90
C THR A 225 -26.85 -16.08 -15.44
N ARG A 226 -26.87 -14.99 -14.69
CA ARG A 226 -27.10 -15.07 -13.25
C ARG A 226 -26.19 -16.08 -12.52
N SER A 227 -25.30 -16.74 -13.25
CA SER A 227 -24.46 -17.78 -12.65
C SER A 227 -23.01 -17.77 -13.18
N PRO A 228 -22.03 -17.98 -12.27
CA PRO A 228 -20.61 -18.14 -12.63
C PRO A 228 -20.49 -19.18 -13.75
N ILE A 229 -19.85 -18.79 -14.84
CA ILE A 229 -19.88 -19.58 -16.07
C ILE A 229 -18.95 -20.81 -16.12
N MET A 230 -17.96 -20.86 -15.24
CA MET A 230 -17.02 -21.99 -15.20
C MET A 230 -16.79 -22.51 -13.78
N GLN A 231 -17.68 -23.35 -13.29
CA GLN A 231 -17.61 -23.81 -11.91
C GLN A 231 -16.85 -25.13 -11.75
N GLY A 232 -15.54 -25.05 -11.53
CA GLY A 232 -14.70 -26.23 -11.42
C GLY A 232 -14.46 -26.68 -9.99
N ASN A 233 -14.20 -27.97 -9.82
CA ASN A 233 -13.93 -28.55 -8.51
C ASN A 233 -12.47 -28.43 -8.11
N THR A 234 -11.59 -28.46 -9.11
CA THR A 234 -10.16 -28.23 -8.89
C THR A 234 -9.49 -27.71 -10.15
N GLU A 235 -8.26 -27.21 -9.99
CA GLU A 235 -7.47 -26.70 -11.10
C GLU A 235 -7.61 -27.54 -12.37
N GLN A 236 -7.26 -28.83 -12.28
CA GLN A 236 -7.46 -29.78 -13.37
C GLN A 236 -8.81 -29.57 -14.04
N HIS A 237 -9.86 -29.66 -13.24
CA HIS A 237 -11.23 -29.56 -13.72
C HIS A 237 -11.47 -28.21 -14.37
N GLN A 238 -11.10 -27.16 -13.66
CA GLN A 238 -11.27 -25.79 -14.15
C GLN A 238 -10.61 -25.65 -15.51
N LEU A 239 -9.28 -25.68 -15.52
CA LEU A 239 -8.53 -25.51 -16.76
C LEU A 239 -9.20 -26.22 -17.93
N ALA A 240 -9.80 -27.37 -17.66
CA ALA A 240 -10.46 -28.14 -18.70
C ALA A 240 -11.73 -27.45 -19.21
N LEU A 241 -12.48 -26.82 -18.30
CA LEU A 241 -13.67 -26.06 -18.67
C LEU A 241 -13.32 -24.89 -19.57
N ILE A 242 -12.20 -24.24 -19.25
CA ILE A 242 -11.69 -23.10 -20.00
C ILE A 242 -11.29 -23.51 -21.41
N SER A 243 -10.51 -24.58 -21.50
CA SER A 243 -10.06 -25.09 -22.81
C SER A 243 -11.24 -25.63 -23.60
N GLN A 244 -12.38 -25.76 -22.92
CA GLN A 244 -13.60 -26.26 -23.54
C GLN A 244 -14.43 -25.13 -24.15
N LEU A 245 -14.28 -23.94 -23.59
CA LEU A 245 -15.00 -22.76 -24.05
C LEU A 245 -14.15 -21.88 -24.96
N CYS A 246 -12.84 -21.89 -24.73
CA CYS A 246 -11.93 -21.02 -25.47
C CYS A 246 -10.93 -21.78 -26.37
N GLY A 247 -11.16 -23.07 -26.54
CA GLY A 247 -10.28 -23.89 -27.37
C GLY A 247 -9.14 -24.48 -26.58
N SER A 248 -8.27 -25.23 -27.23
CA SER A 248 -7.15 -25.85 -26.55
C SER A 248 -6.02 -24.84 -26.44
N ILE A 249 -5.10 -25.11 -25.52
CA ILE A 249 -3.94 -24.24 -25.37
C ILE A 249 -2.80 -24.75 -26.25
N THR A 250 -2.65 -24.10 -27.40
CA THR A 250 -1.61 -24.44 -28.35
C THR A 250 -0.82 -23.17 -28.62
N PRO A 251 0.48 -23.32 -28.91
CA PRO A 251 1.33 -22.17 -29.23
C PRO A 251 0.93 -21.45 -30.53
N GLU A 252 0.01 -22.02 -31.29
CA GLU A 252 -0.52 -21.32 -32.47
C GLU A 252 -1.52 -20.27 -32.01
N VAL A 253 -2.20 -20.57 -30.90
CA VAL A 253 -3.18 -19.68 -30.30
C VAL A 253 -2.48 -18.82 -29.25
N TRP A 254 -1.75 -19.47 -28.35
CA TRP A 254 -1.05 -18.80 -27.27
C TRP A 254 0.46 -19.08 -27.35
N PRO A 255 1.18 -18.29 -28.16
CA PRO A 255 2.61 -18.48 -28.38
C PRO A 255 3.42 -18.54 -27.08
N ASN A 256 4.21 -19.60 -26.93
CA ASN A 256 5.12 -19.76 -25.78
C ASN A 256 4.50 -20.40 -24.53
N VAL A 257 3.35 -21.03 -24.70
CA VAL A 257 2.77 -21.82 -23.61
C VAL A 257 3.66 -23.01 -23.27
N ASP A 258 4.22 -23.63 -24.31
CA ASP A 258 5.10 -24.78 -24.13
C ASP A 258 6.22 -24.49 -23.14
N ASN A 259 6.55 -23.21 -22.98
CA ASN A 259 7.61 -22.78 -22.08
C ASN A 259 7.34 -23.09 -20.60
N TYR A 260 6.10 -23.45 -20.29
CA TYR A 260 5.74 -23.73 -18.90
C TYR A 260 5.87 -25.22 -18.62
N GLU A 261 6.36 -25.55 -17.44
CA GLU A 261 6.59 -26.95 -17.09
C GLU A 261 5.28 -27.68 -16.82
N LEU A 262 4.34 -27.00 -16.18
CA LEU A 262 3.05 -27.60 -15.86
C LEU A 262 2.25 -27.81 -17.14
N TYR A 263 2.79 -27.32 -18.25
CA TYR A 263 2.12 -27.41 -19.54
C TYR A 263 1.80 -28.86 -19.92
N GLU A 264 2.83 -29.64 -20.17
CA GLU A 264 2.66 -31.05 -20.54
C GLU A 264 2.35 -31.91 -19.32
N LYS A 265 2.89 -31.51 -18.17
CA LYS A 265 2.63 -32.23 -16.93
C LYS A 265 1.17 -32.09 -16.50
N LEU A 266 0.28 -31.93 -17.47
CA LEU A 266 -1.14 -31.78 -17.15
C LEU A 266 -2.06 -32.18 -18.29
N GLU A 267 -3.21 -32.73 -17.91
CA GLU A 267 -4.19 -33.20 -18.86
C GLU A 267 -4.91 -32.01 -19.47
N LEU A 268 -4.76 -31.86 -20.78
CA LEU A 268 -5.51 -30.85 -21.51
C LEU A 268 -5.93 -31.41 -22.88
N VAL A 269 -7.19 -31.21 -23.23
CA VAL A 269 -7.70 -31.68 -24.51
C VAL A 269 -6.85 -31.10 -25.63
N LYS A 270 -7.00 -31.60 -26.83
CA LYS A 270 -6.21 -31.12 -27.95
C LYS A 270 -7.06 -30.76 -29.16
N GLY A 271 -8.30 -31.26 -29.19
CA GLY A 271 -9.21 -30.98 -30.30
C GLY A 271 -10.28 -29.94 -30.01
N GLN A 272 -9.94 -28.94 -29.21
CA GLN A 272 -10.92 -27.95 -28.74
C GLN A 272 -10.93 -26.66 -29.56
N LYS A 273 -12.13 -26.23 -29.94
CA LYS A 273 -12.30 -25.00 -30.75
C LYS A 273 -13.08 -23.94 -29.99
N ARG A 274 -12.71 -22.68 -30.19
CA ARG A 274 -13.26 -21.56 -29.44
C ARG A 274 -14.76 -21.40 -29.63
N LYS A 275 -15.54 -21.79 -28.62
CA LYS A 275 -16.99 -21.69 -28.68
C LYS A 275 -17.50 -20.55 -27.80
N VAL A 276 -16.65 -19.54 -27.60
CA VAL A 276 -16.97 -18.44 -26.70
C VAL A 276 -18.26 -17.74 -27.13
N LYS A 277 -18.33 -17.35 -28.39
CA LYS A 277 -19.51 -16.69 -28.93
C LYS A 277 -20.67 -17.66 -29.14
N ASP A 278 -20.37 -18.90 -29.50
CA ASP A 278 -21.41 -19.92 -29.72
C ASP A 278 -22.25 -20.19 -28.47
N ARG A 279 -21.58 -20.55 -27.37
CA ARG A 279 -22.29 -21.00 -26.17
C ARG A 279 -23.11 -19.91 -25.51
N LEU A 280 -22.76 -18.65 -25.76
CA LEU A 280 -23.39 -17.53 -25.06
C LEU A 280 -24.45 -16.73 -25.82
N LYS A 281 -24.67 -17.08 -27.09
CA LYS A 281 -25.69 -16.41 -27.90
C LYS A 281 -27.05 -16.49 -27.23
N ALA A 282 -27.32 -17.62 -26.58
CA ALA A 282 -28.56 -17.82 -25.85
C ALA A 282 -28.94 -16.63 -24.96
N TYR A 283 -28.10 -16.32 -23.98
CA TYR A 283 -28.43 -15.34 -22.97
C TYR A 283 -28.05 -13.93 -23.41
N VAL A 284 -26.93 -13.85 -24.13
CA VAL A 284 -26.44 -12.55 -24.59
C VAL A 284 -26.89 -12.34 -26.02
N ARG A 285 -27.63 -11.26 -26.25
CA ARG A 285 -28.14 -11.00 -27.58
C ARG A 285 -27.24 -10.05 -28.35
N ASP A 286 -27.00 -8.87 -27.77
CA ASP A 286 -26.16 -7.85 -28.39
C ASP A 286 -24.84 -8.45 -28.91
N PRO A 287 -24.59 -8.27 -30.22
CA PRO A 287 -23.38 -8.79 -30.88
C PRO A 287 -22.11 -8.05 -30.47
N TYR A 288 -22.22 -6.74 -30.22
CA TYR A 288 -21.10 -5.97 -29.69
C TYR A 288 -20.71 -6.50 -28.31
N ALA A 289 -21.71 -6.79 -27.49
CA ALA A 289 -21.47 -7.35 -26.16
C ALA A 289 -20.71 -8.66 -26.26
N LEU A 290 -21.08 -9.48 -27.22
CA LEU A 290 -20.39 -10.74 -27.45
C LEU A 290 -18.95 -10.49 -27.86
N ASP A 291 -18.77 -9.67 -28.88
CA ASP A 291 -17.43 -9.33 -29.34
C ASP A 291 -16.53 -8.86 -28.20
N LEU A 292 -17.11 -8.16 -27.22
CA LEU A 292 -16.32 -7.67 -26.10
C LEU A 292 -15.89 -8.79 -25.16
N ILE A 293 -16.86 -9.62 -24.75
CA ILE A 293 -16.59 -10.76 -23.89
C ILE A 293 -15.48 -11.64 -24.48
N ASP A 294 -15.52 -11.79 -25.80
CA ASP A 294 -14.59 -12.63 -26.50
C ASP A 294 -13.16 -12.08 -26.41
N LYS A 295 -13.02 -10.77 -26.22
CA LYS A 295 -11.68 -10.18 -26.12
C LYS A 295 -11.22 -10.14 -24.68
N LEU A 296 -12.15 -10.39 -23.76
CA LEU A 296 -11.85 -10.48 -22.34
C LEU A 296 -11.45 -11.89 -21.98
N LEU A 297 -12.18 -12.86 -22.52
CA LEU A 297 -11.87 -14.26 -22.28
C LEU A 297 -10.95 -14.81 -23.37
N VAL A 298 -9.75 -14.27 -23.40
CA VAL A 298 -8.73 -14.63 -24.37
C VAL A 298 -7.67 -15.37 -23.59
N LEU A 299 -7.25 -16.52 -24.11
CA LEU A 299 -6.30 -17.37 -23.40
C LEU A 299 -4.97 -16.68 -23.12
N ASP A 300 -4.34 -16.16 -24.18
CA ASP A 300 -3.08 -15.46 -24.08
C ASP A 300 -3.22 -14.05 -23.48
N PRO A 301 -2.74 -13.86 -22.26
CA PRO A 301 -2.76 -12.61 -21.49
C PRO A 301 -2.28 -11.40 -22.30
N ALA A 302 -1.24 -11.60 -23.11
CA ALA A 302 -0.65 -10.53 -23.88
C ALA A 302 -1.48 -10.22 -25.11
N GLN A 303 -2.52 -11.02 -25.36
CA GLN A 303 -3.46 -10.75 -26.43
C GLN A 303 -4.83 -10.42 -25.87
N ARG A 304 -4.97 -10.50 -24.55
CA ARG A 304 -6.22 -10.20 -23.89
C ARG A 304 -6.40 -8.69 -23.73
N ILE A 305 -7.57 -8.20 -24.12
CA ILE A 305 -7.92 -6.78 -24.15
C ILE A 305 -7.56 -5.98 -22.90
N ASP A 306 -6.98 -4.79 -23.16
CA ASP A 306 -6.66 -3.77 -22.16
C ASP A 306 -7.94 -3.26 -21.54
N SER A 307 -7.88 -2.81 -20.28
CA SER A 307 -9.05 -2.13 -19.69
C SER A 307 -9.37 -0.78 -20.37
N ASP A 308 -8.36 -0.19 -21.00
CA ASP A 308 -8.53 1.02 -21.79
C ASP A 308 -9.23 0.70 -23.10
N ASP A 309 -8.66 -0.23 -23.85
CA ASP A 309 -9.19 -0.56 -25.15
C ASP A 309 -10.61 -1.09 -25.06
N ALA A 310 -10.99 -1.55 -23.88
CA ALA A 310 -12.30 -2.18 -23.70
C ALA A 310 -13.38 -1.16 -23.47
N LEU A 311 -13.04 -0.09 -22.77
CA LEU A 311 -13.95 1.02 -22.52
C LEU A 311 -14.20 1.77 -23.80
N ASN A 312 -13.32 1.53 -24.77
CA ASN A 312 -13.33 2.20 -26.05
C ASN A 312 -14.06 1.36 -27.07
N HIS A 313 -14.56 0.22 -26.60
CA HIS A 313 -15.24 -0.76 -27.46
C HIS A 313 -16.62 -0.28 -27.89
N ASP A 314 -17.01 -0.59 -29.12
CA ASP A 314 -18.26 -0.12 -29.69
C ASP A 314 -19.49 -0.53 -28.85
N PHE A 315 -19.28 -1.44 -27.92
CA PHE A 315 -20.34 -1.86 -27.01
C PHE A 315 -20.76 -0.68 -26.13
N PHE A 316 -19.80 0.12 -25.72
CA PHE A 316 -20.08 1.25 -24.86
C PHE A 316 -20.51 2.47 -25.66
N TRP A 317 -20.28 2.40 -26.96
CA TRP A 317 -20.59 3.50 -27.88
C TRP A 317 -21.54 3.08 -29.01
N SER A 318 -22.71 2.58 -28.63
CA SER A 318 -23.74 2.18 -29.58
C SER A 318 -25.02 2.01 -28.79
N ASP A 319 -26.17 1.97 -29.46
CA ASP A 319 -27.43 1.91 -28.74
C ASP A 319 -27.78 0.50 -28.29
N PRO A 320 -28.40 0.38 -27.11
CA PRO A 320 -28.69 1.51 -26.22
C PRO A 320 -27.43 2.03 -25.53
N MET A 321 -27.34 3.33 -25.33
CA MET A 321 -26.20 3.86 -24.59
C MET A 321 -26.32 3.46 -23.13
N PRO A 322 -25.18 3.45 -22.41
CA PRO A 322 -25.20 3.04 -21.01
C PRO A 322 -26.06 4.01 -20.22
N SER A 323 -26.90 3.51 -19.31
CA SER A 323 -27.81 4.36 -18.54
C SER A 323 -27.58 4.22 -17.04
N ASP A 324 -28.11 5.15 -16.27
CA ASP A 324 -28.04 5.06 -14.80
C ASP A 324 -28.82 3.89 -14.21
N LEU A 325 -28.73 3.72 -12.90
CA LEU A 325 -29.39 2.59 -12.24
C LEU A 325 -30.42 3.02 -11.20
N LYS A 326 -31.64 2.55 -11.45
CA LYS A 326 -32.80 2.79 -10.61
C LYS A 326 -33.64 1.53 -10.77
N GLY A 327 -33.23 0.70 -11.74
CA GLY A 327 -33.64 -0.69 -11.80
C GLY A 327 -32.92 -1.43 -10.68
N MET A 328 -33.41 -1.17 -9.47
CA MET A 328 -32.73 -1.48 -8.22
C MET A 328 -33.04 -2.88 -7.69
N ASN B 10 -3.09 16.73 6.18
CA ASN B 10 -2.05 17.10 5.19
C ASN B 10 -0.95 18.03 5.73
N LYS B 11 -1.29 18.87 6.70
CA LYS B 11 -0.32 19.60 7.48
C LYS B 11 -0.19 18.88 8.81
N ARG B 12 -0.74 17.68 8.87
CA ARG B 12 -0.94 17.04 10.16
C ARG B 12 0.35 16.82 10.92
N TRP B 13 1.36 16.32 10.20
CA TRP B 13 2.63 15.98 10.79
C TRP B 13 3.73 17.00 10.47
N TYR B 14 3.32 18.23 10.15
CA TYR B 14 4.27 19.33 10.06
C TYR B 14 3.93 20.40 11.09
N PHE B 15 4.95 20.80 11.85
CA PHE B 15 4.73 21.65 13.01
C PHE B 15 5.57 22.92 12.92
N THR B 16 5.13 23.95 13.62
CA THR B 16 5.85 25.20 13.64
C THR B 16 6.92 25.14 14.72
N ARG B 17 7.80 26.13 14.75
CA ARG B 17 8.86 26.10 15.74
C ARG B 17 8.28 26.33 17.11
N GLU B 18 7.13 27.00 17.16
CA GLU B 18 6.46 27.25 18.42
C GLU B 18 5.77 25.99 18.95
N GLN B 19 5.40 25.10 18.04
CA GLN B 19 4.78 23.84 18.41
C GLN B 19 5.82 22.84 18.82
N LEU B 20 6.94 22.88 18.11
CA LEU B 20 8.06 21.99 18.37
C LEU B 20 8.69 22.22 19.74
N GLU B 21 8.74 23.48 20.14
CA GLU B 21 9.17 23.86 21.47
C GLU B 21 8.19 23.31 22.52
N ASN B 22 6.91 23.60 22.36
CA ASN B 22 5.94 23.10 23.34
C ASN B 22 5.45 21.68 23.00
N SER B 23 6.29 20.69 23.33
CA SER B 23 6.06 19.30 22.95
C SER B 23 5.71 18.44 24.14
N PRO B 24 5.02 17.31 23.90
CA PRO B 24 4.53 16.43 24.96
C PRO B 24 5.58 16.23 26.04
N SER B 25 6.84 16.09 25.63
CA SER B 25 7.92 15.85 26.58
C SER B 25 8.23 17.09 27.42
N ARG B 26 8.23 18.27 26.80
CA ARG B 26 8.48 19.54 27.51
C ARG B 26 7.50 19.67 28.67
N ARG B 27 6.26 19.31 28.40
CA ARG B 27 5.21 19.43 29.38
C ARG B 27 5.36 18.41 30.52
N PHE B 28 6.40 17.57 30.44
CA PHE B 28 6.77 16.72 31.57
C PHE B 28 8.17 17.07 32.09
N GLY B 29 8.63 18.28 31.77
CA GLY B 29 9.84 18.84 32.35
C GLY B 29 11.12 18.68 31.55
N VAL B 30 11.02 17.98 30.43
CA VAL B 30 12.19 17.67 29.62
C VAL B 30 12.65 18.90 28.86
N ASP B 31 13.85 19.40 29.17
CA ASP B 31 14.48 20.49 28.41
C ASP B 31 14.47 20.21 26.93
N PRO B 32 14.45 21.26 26.10
CA PRO B 32 14.57 21.17 24.65
C PRO B 32 15.83 20.48 24.20
N ASP B 33 16.98 20.93 24.69
CA ASP B 33 18.26 20.38 24.26
C ASP B 33 18.28 18.87 24.53
N LYS B 34 17.68 18.50 25.65
CA LYS B 34 17.68 17.13 26.15
C LYS B 34 16.79 16.25 25.28
N GLU B 35 15.52 16.63 25.15
CA GLU B 35 14.59 15.90 24.29
C GLU B 35 15.26 15.71 22.95
N LEU B 36 15.93 16.75 22.49
CA LEU B 36 16.55 16.75 21.16
C LEU B 36 17.60 15.65 21.01
N SER B 37 18.22 15.29 22.12
CA SER B 37 19.27 14.29 22.08
C SER B 37 18.69 12.94 22.43
N TYR B 38 17.48 12.94 22.99
CA TYR B 38 16.74 11.71 23.16
C TYR B 38 16.33 11.15 21.79
N ARG B 39 16.02 12.02 20.85
CA ARG B 39 15.78 11.64 19.47
C ARG B 39 17.04 11.15 18.76
N GLN B 40 18.09 11.97 18.79
CA GLN B 40 19.33 11.56 18.16
C GLN B 40 19.69 10.17 18.63
N GLN B 41 19.60 9.96 19.94
CA GLN B 41 19.92 8.65 20.52
C GLN B 41 19.09 7.55 19.93
N ALA B 42 17.79 7.79 19.78
CA ALA B 42 16.90 6.74 19.29
C ALA B 42 17.28 6.41 17.87
N ALA B 43 17.43 7.45 17.05
CA ALA B 43 17.97 7.30 15.70
C ALA B 43 19.28 6.47 15.65
N ASN B 44 20.20 6.66 16.60
CA ASN B 44 21.40 5.85 16.59
C ASN B 44 21.04 4.40 16.82
N LEU B 45 20.34 4.13 17.90
CA LEU B 45 19.86 2.80 18.19
C LEU B 45 19.25 2.16 16.96
N LEU B 46 18.42 2.93 16.26
CA LEU B 46 17.75 2.43 15.06
C LEU B 46 18.75 2.01 13.99
N GLN B 47 19.62 2.92 13.58
CA GLN B 47 20.68 2.61 12.64
C GLN B 47 21.54 1.43 13.10
N ASP B 48 21.92 1.43 14.36
CA ASP B 48 22.72 0.34 14.90
C ASP B 48 22.00 -1.00 14.67
N MET B 49 20.74 -1.10 15.10
CA MET B 49 19.95 -2.31 14.97
C MET B 49 19.70 -2.69 13.51
N GLY B 50 19.39 -1.68 12.70
CA GLY B 50 19.03 -1.89 11.32
C GLY B 50 20.16 -2.48 10.50
N GLN B 51 21.39 -2.09 10.81
CA GLN B 51 22.56 -2.66 10.11
C GLN B 51 22.82 -4.12 10.49
N ARG B 52 22.67 -4.44 11.77
CA ARG B 52 22.77 -5.81 12.25
C ARG B 52 21.64 -6.68 11.74
N LEU B 53 20.49 -6.09 11.47
CA LEU B 53 19.35 -6.86 10.95
C LEU B 53 19.36 -6.87 9.43
N ASN B 54 20.39 -6.28 8.87
CA ASN B 54 20.54 -6.26 7.44
C ASN B 54 19.28 -5.80 6.76
N VAL B 55 18.71 -4.70 7.23
CA VAL B 55 17.69 -4.01 6.45
C VAL B 55 18.27 -2.77 5.82
N SER B 56 17.50 -2.15 4.92
CA SER B 56 17.98 -1.02 4.13
C SER B 56 18.04 0.26 4.93
N GLN B 57 18.70 1.27 4.40
CA GLN B 57 18.63 2.58 5.03
C GLN B 57 17.23 3.13 4.92
N LEU B 58 16.57 2.83 3.81
CA LEU B 58 15.22 3.30 3.62
C LEU B 58 14.30 2.87 4.77
N THR B 59 14.49 1.63 5.21
CA THR B 59 13.68 1.07 6.25
C THR B 59 14.03 1.75 7.56
N ILE B 60 15.32 1.95 7.77
CA ILE B 60 15.76 2.64 8.96
C ILE B 60 15.22 4.07 9.01
N ASN B 61 15.24 4.76 7.87
CA ASN B 61 14.75 6.12 7.77
C ASN B 61 13.27 6.18 8.09
N THR B 62 12.53 5.26 7.50
CA THR B 62 11.13 5.20 7.83
C THR B 62 10.92 5.06 9.34
N ALA B 63 11.60 4.12 9.98
CA ALA B 63 11.44 3.96 11.41
C ALA B 63 11.76 5.25 12.17
N ILE B 64 12.83 5.92 11.78
CA ILE B 64 13.18 7.18 12.41
C ILE B 64 12.09 8.28 12.33
N VAL B 65 11.53 8.49 11.14
CA VAL B 65 10.38 9.37 10.96
C VAL B 65 9.20 8.95 11.85
N TYR B 66 8.96 7.63 11.99
CA TYR B 66 7.92 7.13 12.90
C TYR B 66 8.26 7.57 14.32
N MET B 67 9.48 7.28 14.73
CA MET B 67 9.98 7.74 16.01
C MET B 67 9.76 9.23 16.18
N HIS B 68 10.15 10.02 15.18
CA HIS B 68 9.98 11.47 15.29
C HIS B 68 8.52 11.86 15.51
N ARG B 69 7.64 11.43 14.62
CA ARG B 69 6.23 11.77 14.76
C ARG B 69 5.65 11.19 16.03
N PHE B 70 6.12 10.01 16.42
CA PHE B 70 5.59 9.41 17.61
C PHE B 70 5.78 10.33 18.83
N TYR B 71 6.90 11.02 18.90
CA TYR B 71 7.20 11.83 20.07
C TYR B 71 6.71 13.26 19.98
N MET B 72 5.99 13.56 18.91
CA MET B 72 5.24 14.80 18.81
C MET B 72 3.85 14.61 19.42
N ILE B 73 3.57 13.38 19.84
CA ILE B 73 2.29 13.03 20.44
C ILE B 73 2.53 12.43 21.82
N GLN B 74 3.58 11.63 21.95
CA GLN B 74 3.87 10.96 23.20
C GLN B 74 5.08 11.59 23.82
N SER B 75 5.24 11.37 25.12
CA SER B 75 6.37 11.93 25.82
C SER B 75 7.45 10.89 26.12
N PHE B 76 8.69 11.33 26.05
CA PHE B 76 9.82 10.51 26.44
C PHE B 76 9.77 10.04 27.89
N THR B 77 9.06 10.78 28.74
CA THR B 77 8.98 10.42 30.17
C THR B 77 8.06 9.24 30.44
N ARG B 78 7.28 8.85 29.43
CA ARG B 78 6.38 7.70 29.59
C ARG B 78 6.84 6.60 28.63
N PHE B 79 7.31 7.01 27.45
CA PHE B 79 7.82 6.07 26.45
C PHE B 79 9.28 6.30 26.16
N PRO B 80 10.14 5.49 26.78
CA PRO B 80 11.58 5.51 26.63
C PRO B 80 12.00 5.13 25.22
N GLY B 81 12.94 5.88 24.65
CA GLY B 81 13.45 5.63 23.31
C GLY B 81 13.89 4.20 23.11
N ASN B 82 14.55 3.61 24.10
CA ASN B 82 15.03 2.24 23.98
C ASN B 82 13.92 1.22 23.84
N SER B 83 12.69 1.64 24.08
CA SER B 83 11.56 0.74 23.99
C SER B 83 10.79 1.00 22.72
N VAL B 84 10.79 2.27 22.33
CA VAL B 84 10.05 2.65 21.16
C VAL B 84 10.82 2.30 19.90
N ALA B 85 12.15 2.36 19.98
CA ALA B 85 12.95 2.27 18.78
C ALA B 85 12.88 0.87 18.17
N PRO B 86 13.01 -0.17 18.99
CA PRO B 86 12.88 -1.50 18.39
C PRO B 86 11.49 -1.74 17.80
N ALA B 87 10.44 -1.37 18.52
CA ALA B 87 9.09 -1.54 17.99
C ALA B 87 8.87 -0.76 16.69
N ALA B 88 9.45 0.43 16.61
CA ALA B 88 9.31 1.26 15.42
C ALA B 88 10.02 0.64 14.24
N LEU B 89 11.16 0.02 14.51
CA LEU B 89 11.91 -0.65 13.45
C LEU B 89 11.24 -1.95 13.03
N PHE B 90 10.69 -2.66 14.00
CA PHE B 90 9.90 -3.86 13.71
C PHE B 90 8.82 -3.54 12.69
N LEU B 91 8.15 -2.43 12.90
CA LEU B 91 7.07 -1.98 12.05
C LEU B 91 7.54 -1.53 10.66
N ALA B 92 8.49 -0.60 10.63
CA ALA B 92 9.04 -0.09 9.38
C ALA B 92 9.48 -1.21 8.45
N ALA B 93 10.14 -2.22 9.01
CA ALA B 93 10.55 -3.37 8.21
C ALA B 93 9.36 -4.08 7.53
N LYS B 94 8.27 -4.31 8.25
CA LYS B 94 7.09 -4.90 7.59
C LYS B 94 6.61 -3.97 6.52
N VAL B 95 6.31 -2.74 6.94
CA VAL B 95 5.75 -1.72 6.05
C VAL B 95 6.58 -1.49 4.80
N GLU B 96 7.87 -1.80 4.85
CA GLU B 96 8.75 -1.49 3.72
C GLU B 96 9.13 -2.72 2.93
N GLY B 97 8.56 -3.87 3.30
CA GLY B 97 8.79 -5.10 2.59
C GLY B 97 9.98 -5.94 3.03
N GLN B 98 10.60 -5.57 4.14
CA GLN B 98 11.77 -6.27 4.64
C GLN B 98 11.49 -6.84 6.00
N PRO B 99 10.46 -7.68 6.10
CA PRO B 99 9.95 -8.09 7.40
C PRO B 99 11.00 -8.87 8.16
N LYS B 100 11.18 -8.56 9.44
CA LYS B 100 12.08 -9.32 10.31
C LYS B 100 11.26 -9.91 11.44
N LYS B 101 11.68 -11.07 11.94
CA LYS B 101 10.87 -11.79 12.90
C LYS B 101 10.95 -11.21 14.30
N LEU B 102 9.81 -11.17 14.94
CA LEU B 102 9.70 -10.59 16.26
C LEU B 102 10.81 -11.10 17.20
N GLU B 103 11.13 -12.39 17.17
CA GLU B 103 12.15 -12.93 18.08
C GLU B 103 13.52 -12.43 17.67
N HIS B 104 13.68 -12.29 16.37
CA HIS B 104 14.92 -11.84 15.78
C HIS B 104 15.23 -10.40 16.18
N VAL B 105 14.19 -9.56 16.17
CA VAL B 105 14.34 -8.17 16.58
C VAL B 105 14.54 -8.04 18.09
N ILE B 106 13.82 -8.81 18.90
CA ILE B 106 14.13 -8.81 20.33
C ILE B 106 15.62 -9.10 20.58
N LYS B 107 16.14 -10.15 19.94
CA LYS B 107 17.54 -10.55 20.09
C LYS B 107 18.49 -9.37 19.87
N VAL B 108 18.47 -8.84 18.66
CA VAL B 108 19.32 -7.72 18.28
C VAL B 108 19.17 -6.47 19.15
N ALA B 109 17.96 -6.10 19.49
CA ALA B 109 17.74 -5.02 20.42
C ALA B 109 18.47 -5.32 21.72
N HIS B 110 18.34 -6.55 22.21
CA HIS B 110 18.99 -6.91 23.45
C HIS B 110 20.51 -6.69 23.44
N THR B 111 21.19 -7.20 22.42
CA THR B 111 22.63 -7.14 22.40
C THR B 111 23.08 -5.72 22.18
N CYS B 112 22.24 -4.92 21.56
CA CYS B 112 22.57 -3.51 21.34
C CYS B 112 22.48 -2.73 22.65
N LEU B 113 21.48 -3.06 23.46
CA LEU B 113 21.26 -2.32 24.69
C LEU B 113 21.96 -2.93 25.90
N HIS B 114 22.50 -4.14 25.74
CA HIS B 114 23.12 -4.86 26.86
C HIS B 114 24.21 -5.78 26.35
N PRO B 115 25.22 -5.22 25.68
CA PRO B 115 26.19 -6.00 24.91
C PRO B 115 26.78 -7.13 25.74
N GLN B 116 26.74 -6.96 27.05
CA GLN B 116 27.29 -7.94 27.98
C GLN B 116 26.26 -9.01 28.30
N GLU B 117 25.16 -8.59 28.94
CA GLU B 117 24.12 -9.51 29.39
C GLU B 117 23.75 -10.62 28.40
N SER B 118 23.49 -11.80 28.95
CA SER B 118 23.18 -13.00 28.17
C SER B 118 21.71 -13.03 27.86
N LEU B 119 21.34 -13.65 26.75
CA LEU B 119 19.93 -13.70 26.39
C LEU B 119 19.17 -14.65 27.32
N PRO B 120 17.96 -14.24 27.73
CA PRO B 120 17.07 -15.09 28.54
C PRO B 120 16.60 -16.33 27.80
N ASP B 121 16.18 -17.34 28.56
CA ASP B 121 15.62 -18.53 27.95
C ASP B 121 14.37 -18.12 27.18
N THR B 122 14.39 -18.38 25.87
CA THR B 122 13.27 -18.07 25.00
C THR B 122 11.96 -18.65 25.56
N ARG B 123 12.06 -19.42 26.64
CA ARG B 123 10.90 -20.08 27.22
C ARG B 123 10.47 -19.45 28.54
N SER B 124 11.28 -18.51 29.05
CA SER B 124 11.03 -17.93 30.38
C SER B 124 9.86 -16.95 30.41
N GLU B 125 9.37 -16.67 31.62
CA GLU B 125 8.31 -15.69 31.78
C GLU B 125 8.85 -14.29 31.52
N ALA B 126 10.12 -14.08 31.83
CA ALA B 126 10.78 -12.80 31.61
C ALA B 126 10.80 -12.42 30.14
N TYR B 127 11.24 -13.35 29.31
CA TYR B 127 11.35 -13.12 27.87
C TYR B 127 9.97 -13.06 27.24
N LEU B 128 9.09 -13.95 27.69
CA LEU B 128 7.73 -13.97 27.18
C LEU B 128 7.02 -12.62 27.36
N GLN B 129 7.36 -11.90 28.42
CA GLN B 129 6.88 -10.54 28.61
C GLN B 129 7.45 -9.60 27.56
N GLN B 130 8.78 -9.46 27.50
CA GLN B 130 9.34 -8.46 26.61
C GLN B 130 8.86 -8.62 25.16
N VAL B 131 8.51 -9.84 24.77
CA VAL B 131 7.87 -10.04 23.47
C VAL B 131 6.48 -9.41 23.44
N GLN B 132 5.67 -9.72 24.46
CA GLN B 132 4.39 -9.06 24.68
C GLN B 132 4.53 -7.57 24.57
N ASP B 133 5.43 -7.02 25.37
CA ASP B 133 5.66 -5.58 25.40
C ASP B 133 5.86 -4.99 24.00
N LEU B 134 6.83 -5.52 23.26
CA LEU B 134 7.14 -4.99 21.95
C LEU B 134 5.88 -4.91 21.09
N VAL B 135 5.20 -6.04 20.99
CA VAL B 135 3.95 -6.14 20.24
C VAL B 135 2.89 -5.11 20.66
N ILE B 136 2.72 -4.91 21.98
CA ILE B 136 1.86 -3.85 22.49
C ILE B 136 2.30 -2.48 21.98
N LEU B 137 3.60 -2.22 22.11
CA LEU B 137 4.20 -0.96 21.70
C LEU B 137 3.96 -0.70 20.22
N GLU B 138 4.12 -1.73 19.40
CA GLU B 138 3.92 -1.59 17.97
C GLU B 138 2.50 -1.12 17.76
N SER B 139 1.58 -1.64 18.57
CA SER B 139 0.18 -1.27 18.47
C SER B 139 -0.07 0.20 18.83
N ILE B 140 0.61 0.68 19.86
CA ILE B 140 0.49 2.07 20.26
C ILE B 140 1.09 3.04 19.22
N ILE B 141 2.21 2.66 18.62
CA ILE B 141 2.82 3.45 17.55
C ILE B 141 1.84 3.60 16.38
N LEU B 142 1.17 2.49 16.07
CA LEU B 142 0.25 2.48 14.95
C LEU B 142 -0.88 3.45 15.18
N GLN B 143 -1.48 3.38 16.35
CA GLN B 143 -2.62 4.21 16.68
C GLN B 143 -2.17 5.66 16.84
N THR B 144 -0.99 5.83 17.43
CA THR B 144 -0.44 7.16 17.60
C THR B 144 -0.23 7.81 16.25
N LEU B 145 0.40 7.11 15.32
CA LEU B 145 0.47 7.61 13.96
C LEU B 145 -0.90 7.58 13.23
N GLY B 146 -1.90 6.98 13.86
CA GLY B 146 -3.21 6.85 13.24
C GLY B 146 -3.11 6.17 11.89
N PHE B 147 -2.31 5.10 11.84
CA PHE B 147 -2.11 4.26 10.66
C PHE B 147 -1.62 4.92 9.36
N GLU B 148 -0.95 6.06 9.48
CA GLU B 148 -0.32 6.67 8.31
C GLU B 148 1.15 6.31 8.29
N LEU B 149 1.49 5.31 7.46
CA LEU B 149 2.82 4.70 7.49
C LEU B 149 3.55 4.83 6.16
N THR B 150 2.90 5.45 5.21
CA THR B 150 3.54 5.64 3.92
C THR B 150 4.33 6.92 4.01
N ILE B 151 5.64 6.77 4.13
CA ILE B 151 6.51 7.90 4.33
C ILE B 151 7.10 8.30 2.99
N ASP B 152 7.56 9.53 2.90
CA ASP B 152 8.26 10.00 1.71
C ASP B 152 9.54 10.63 2.23
N HIS B 153 10.68 10.19 1.71
CA HIS B 153 11.97 10.66 2.22
C HIS B 153 12.63 11.54 1.20
N PRO B 154 13.41 12.53 1.67
CA PRO B 154 14.13 13.43 0.77
C PRO B 154 14.93 12.64 -0.28
N HIS B 155 15.40 11.47 0.07
CA HIS B 155 16.32 10.73 -0.80
C HIS B 155 15.77 10.56 -2.22
N THR B 156 14.47 10.30 -2.35
CA THR B 156 13.89 10.16 -3.68
C THR B 156 14.24 11.38 -4.51
N HIS B 157 13.92 12.55 -3.97
CA HIS B 157 14.12 13.81 -4.64
C HIS B 157 15.59 14.16 -4.88
N VAL B 158 16.48 13.52 -4.14
CA VAL B 158 17.89 13.81 -4.29
C VAL B 158 18.34 13.47 -5.71
N VAL B 159 18.10 12.23 -6.14
CA VAL B 159 18.34 11.86 -7.54
C VAL B 159 18.01 13.00 -8.52
N LYS B 160 16.77 13.46 -8.46
CA LYS B 160 16.27 14.51 -9.35
C LYS B 160 17.13 15.78 -9.33
N CYS B 161 17.41 16.30 -8.14
CA CYS B 161 18.17 17.54 -8.02
C CYS B 161 19.58 17.41 -8.54
N THR B 162 20.06 16.18 -8.65
CA THR B 162 21.46 15.97 -9.02
C THR B 162 21.63 15.68 -10.50
N GLN B 163 20.54 15.30 -11.17
CA GLN B 163 20.53 15.35 -12.62
C GLN B 163 20.54 16.82 -13.04
N LEU B 164 19.87 17.66 -12.25
CA LEU B 164 19.78 19.08 -12.53
C LEU B 164 21.07 19.84 -12.21
N VAL B 165 22.15 19.13 -11.88
CA VAL B 165 23.44 19.77 -11.81
C VAL B 165 24.56 18.91 -12.40
N ARG B 166 24.18 17.89 -13.18
CA ARG B 166 25.13 16.96 -13.80
C ARG B 166 26.17 16.50 -12.78
N ALA B 167 25.82 16.64 -11.51
CA ALA B 167 26.74 16.38 -10.41
C ALA B 167 27.50 15.08 -10.59
N SER B 168 28.74 15.04 -10.09
CA SER B 168 29.54 13.83 -10.11
C SER B 168 29.02 12.80 -9.10
N LYS B 169 29.50 11.57 -9.19
CA LYS B 169 29.20 10.58 -8.17
C LYS B 169 29.37 11.26 -6.83
N ASP B 170 30.60 11.68 -6.57
CA ASP B 170 30.97 12.31 -5.32
C ASP B 170 29.88 13.20 -4.75
N LEU B 171 29.57 14.28 -5.46
CA LEU B 171 28.59 15.24 -4.97
C LEU B 171 27.25 14.59 -4.69
N ALA B 172 26.87 13.64 -5.54
CA ALA B 172 25.64 12.88 -5.32
C ALA B 172 25.68 12.14 -3.97
N GLN B 173 26.70 11.30 -3.78
CA GLN B 173 26.84 10.58 -2.53
C GLN B 173 26.78 11.50 -1.29
N THR B 174 27.52 12.61 -1.34
CA THR B 174 27.48 13.60 -0.26
C THR B 174 26.05 14.07 0.05
N SER B 175 25.29 14.46 -0.96
CA SER B 175 23.90 14.84 -0.77
C SER B 175 23.05 13.79 -0.05
N TYR B 176 23.27 12.51 -0.36
CA TYR B 176 22.53 11.46 0.32
C TYR B 176 22.94 11.40 1.78
N PHE B 177 24.24 11.55 2.00
CA PHE B 177 24.82 11.60 3.35
C PHE B 177 24.13 12.66 4.18
N MET B 178 24.08 13.86 3.62
CA MET B 178 23.37 14.95 4.23
C MET B 178 21.94 14.55 4.53
N ALA B 179 21.26 13.96 3.54
CA ALA B 179 19.87 13.59 3.72
C ALA B 179 19.69 12.70 4.94
N THR B 180 20.44 11.60 4.96
CA THR B 180 20.34 10.62 6.04
C THR B 180 20.65 11.26 7.36
N ASN B 181 21.66 12.11 7.38
CA ASN B 181 21.98 12.78 8.60
C ASN B 181 20.95 13.80 9.08
N SER B 182 20.22 14.40 8.16
CA SER B 182 19.20 15.36 8.54
C SER B 182 18.13 14.68 9.42
N LEU B 183 17.91 13.39 9.20
CA LEU B 183 16.96 12.63 9.99
C LEU B 183 17.50 12.28 11.38
N HIS B 184 18.73 11.77 11.44
CA HIS B 184 19.35 11.47 12.72
C HIS B 184 19.51 12.67 13.64
N LEU B 185 19.84 13.82 13.05
CA LEU B 185 20.35 14.95 13.82
C LEU B 185 19.38 16.13 13.94
N THR B 186 18.39 16.22 13.06
CA THR B 186 17.44 17.34 13.10
C THR B 186 15.98 16.94 13.17
N THR B 187 15.12 17.93 13.36
CA THR B 187 13.68 17.70 13.30
C THR B 187 13.10 18.31 12.02
N PHE B 188 13.89 18.34 10.95
CA PHE B 188 13.44 18.92 9.69
C PHE B 188 12.24 18.16 9.15
N SER B 189 12.28 16.84 9.30
CA SER B 189 11.27 15.97 8.71
C SER B 189 9.92 16.25 9.35
N LEU B 190 9.96 16.92 10.49
CA LEU B 190 8.79 17.40 11.20
C LEU B 190 8.40 18.84 10.83
N GLN B 191 9.20 19.50 10.01
CA GLN B 191 8.97 20.92 9.70
C GLN B 191 8.91 21.25 8.22
N TYR B 192 9.77 20.59 7.44
CA TYR B 192 9.85 20.84 6.00
C TYR B 192 9.62 19.58 5.17
N THR B 193 8.90 19.73 4.07
CA THR B 193 8.55 18.62 3.21
C THR B 193 9.77 18.01 2.54
N PRO B 194 9.71 16.71 2.22
CA PRO B 194 10.84 16.00 1.62
C PRO B 194 11.56 16.80 0.53
N PRO B 195 10.82 17.35 -0.43
CA PRO B 195 11.46 18.06 -1.55
C PRO B 195 12.31 19.23 -1.09
N VAL B 196 11.76 20.07 -0.21
CA VAL B 196 12.53 21.17 0.38
C VAL B 196 13.78 20.67 1.07
N VAL B 197 13.63 19.82 2.07
CA VAL B 197 14.79 19.20 2.73
C VAL B 197 15.82 18.70 1.73
N ALA B 198 15.38 18.01 0.68
CA ALA B 198 16.28 17.58 -0.40
C ALA B 198 17.11 18.73 -0.97
N CYS B 199 16.49 19.87 -1.25
CA CYS B 199 17.21 21.04 -1.77
C CYS B 199 18.23 21.52 -0.76
N VAL B 200 17.85 21.53 0.51
CA VAL B 200 18.78 21.87 1.57
C VAL B 200 20.01 20.98 1.54
N CYS B 201 19.78 19.69 1.30
CA CYS B 201 20.86 18.71 1.28
C CYS B 201 21.79 18.86 0.10
N ILE B 202 21.26 19.32 -1.03
CA ILE B 202 22.11 19.61 -2.17
C ILE B 202 22.85 20.93 -1.94
N HIS B 203 22.16 21.91 -1.39
CA HIS B 203 22.79 23.20 -1.16
C HIS B 203 24.06 23.06 -0.33
N LEU B 204 23.99 22.27 0.75
CA LEU B 204 25.13 22.16 1.66
C LEU B 204 26.20 21.21 1.11
N ALA B 205 25.76 20.17 0.39
CA ALA B 205 26.70 19.31 -0.30
C ALA B 205 27.53 20.15 -1.27
N CYS B 206 26.87 21.03 -2.01
CA CYS B 206 27.57 21.95 -2.89
C CYS B 206 28.55 22.80 -2.09
N LYS B 207 28.05 23.56 -1.11
CA LYS B 207 28.90 24.39 -0.26
C LYS B 207 30.11 23.62 0.26
N TRP B 208 29.88 22.41 0.76
CA TRP B 208 30.93 21.61 1.35
C TRP B 208 31.97 21.17 0.32
N SER B 209 31.62 21.21 -0.97
CA SER B 209 32.49 20.71 -2.04
C SER B 209 32.98 21.80 -2.95
N ASN B 210 32.66 23.05 -2.64
CA ASN B 210 32.92 24.16 -3.56
C ASN B 210 32.42 23.87 -4.96
N TRP B 211 31.21 23.34 -5.05
CA TRP B 211 30.60 23.09 -6.33
C TRP B 211 29.79 24.31 -6.68
N GLU B 212 29.86 24.69 -7.96
CA GLU B 212 29.28 25.92 -8.48
C GLU B 212 27.97 25.65 -9.21
N ILE B 213 27.06 26.60 -9.15
CA ILE B 213 25.79 26.42 -9.85
C ILE B 213 25.55 27.49 -10.90
N PRO B 214 25.83 27.15 -12.17
CA PRO B 214 25.63 28.13 -13.24
C PRO B 214 24.15 28.49 -13.35
N VAL B 215 23.81 29.73 -13.05
CA VAL B 215 22.43 30.20 -13.17
C VAL B 215 21.91 29.74 -14.52
N SER B 216 20.65 29.35 -14.59
CA SER B 216 20.07 28.95 -15.87
C SER B 216 20.05 30.16 -16.81
N THR B 217 19.76 29.90 -18.07
CA THR B 217 19.66 30.95 -19.08
C THR B 217 18.52 31.92 -18.76
N ASP B 218 17.52 31.42 -18.04
CA ASP B 218 16.34 32.18 -17.65
C ASP B 218 16.57 33.10 -16.44
N GLY B 219 17.72 32.95 -15.79
CA GLY B 219 17.95 33.59 -14.52
C GLY B 219 17.36 32.75 -13.40
N LYS B 220 16.92 31.55 -13.77
CA LYS B 220 16.35 30.58 -12.83
C LYS B 220 17.44 29.83 -12.06
N HIS B 221 17.16 29.54 -10.79
CA HIS B 221 18.08 28.76 -9.95
C HIS B 221 17.71 27.28 -9.97
N TRP B 222 18.69 26.42 -9.73
CA TRP B 222 18.46 24.97 -9.78
C TRP B 222 17.25 24.50 -8.94
N TRP B 223 16.96 25.19 -7.86
CA TRP B 223 15.97 24.68 -6.93
C TRP B 223 14.54 24.95 -7.33
N GLU B 224 14.28 26.14 -7.85
CA GLU B 224 12.93 26.52 -8.22
C GLU B 224 12.25 25.44 -9.09
N TYR B 225 13.06 24.57 -9.69
CA TYR B 225 12.57 23.46 -10.51
C TYR B 225 12.04 22.32 -9.64
N VAL B 226 12.41 22.34 -8.36
CA VAL B 226 12.12 21.25 -7.45
C VAL B 226 11.02 21.59 -6.45
N ASP B 227 11.00 22.83 -5.99
CA ASP B 227 9.95 23.29 -5.09
C ASP B 227 9.79 24.81 -5.16
N ALA B 228 8.60 25.24 -5.52
CA ALA B 228 8.34 26.66 -5.73
C ALA B 228 8.54 27.47 -4.46
N THR B 229 8.19 26.89 -3.31
CA THR B 229 8.20 27.61 -2.04
C THR B 229 9.62 27.88 -1.52
N VAL B 230 10.63 27.43 -2.25
CA VAL B 230 11.99 27.47 -1.73
C VAL B 230 12.75 28.75 -2.11
N THR B 231 13.27 29.41 -1.10
CA THR B 231 13.98 30.67 -1.24
C THR B 231 15.40 30.47 -0.71
N LEU B 232 16.37 31.11 -1.34
CA LEU B 232 17.74 31.00 -0.88
C LEU B 232 17.86 31.52 0.55
N GLU B 233 17.07 32.52 0.87
CA GLU B 233 17.06 33.09 2.22
C GLU B 233 16.85 31.98 3.25
N LEU B 234 16.04 31.00 2.86
CA LEU B 234 15.73 29.84 3.70
C LEU B 234 16.80 28.75 3.60
N LEU B 235 17.18 28.39 2.38
CA LEU B 235 18.30 27.48 2.17
C LEU B 235 19.51 27.83 3.04
N ASP B 236 19.98 29.07 2.99
CA ASP B 236 21.13 29.42 3.82
C ASP B 236 20.80 29.20 5.29
N GLU B 237 19.62 29.61 5.71
CA GLU B 237 19.23 29.51 7.11
C GLU B 237 19.32 28.09 7.62
N LEU B 238 18.87 27.14 6.78
CA LEU B 238 18.78 25.74 7.19
C LEU B 238 20.08 24.97 7.09
N THR B 239 20.78 25.10 5.96
CA THR B 239 22.11 24.50 5.83
C THR B 239 23.05 24.98 6.92
N HIS B 240 22.85 26.19 7.41
CA HIS B 240 23.57 26.63 8.58
C HIS B 240 23.23 25.73 9.77
N GLU B 241 21.94 25.63 10.08
CA GLU B 241 21.45 24.84 11.20
C GLU B 241 21.98 23.42 11.16
N LEU B 242 21.86 22.80 9.98
CA LEU B 242 22.32 21.43 9.78
C LEU B 242 23.82 21.34 9.95
N LEU B 243 24.57 22.18 9.23
CA LEU B 243 26.01 22.16 9.40
C LEU B 243 26.44 22.35 10.86
N GLN B 244 25.74 23.20 11.59
CA GLN B 244 26.11 23.51 12.96
C GLN B 244 26.16 22.24 13.79
N ILE B 245 25.14 21.39 13.65
CA ILE B 245 25.02 20.21 14.50
C ILE B 245 25.91 19.10 13.97
N LEU B 246 26.06 19.05 12.65
CA LEU B 246 27.03 18.15 12.06
C LEU B 246 28.40 18.31 12.71
N GLU B 247 28.82 19.57 12.90
CA GLU B 247 30.10 19.87 13.54
C GLU B 247 30.14 19.46 15.02
N LYS B 248 28.98 19.43 15.66
CA LYS B 248 28.89 19.03 17.06
C LYS B 248 29.02 17.51 17.18
N THR B 249 28.68 16.84 16.10
CA THR B 249 28.65 15.39 16.06
C THR B 249 30.01 14.80 15.68
N PRO B 250 30.63 14.07 16.63
CA PRO B 250 31.99 13.57 16.47
C PRO B 250 32.11 12.61 15.32
N ASN B 251 33.22 12.68 14.60
CA ASN B 251 33.55 11.77 13.50
C ASN B 251 32.68 11.80 12.25
N ARG B 252 31.46 12.34 12.38
CA ARG B 252 30.50 12.34 11.27
C ARG B 252 31.03 13.08 10.06
N LEU B 253 31.54 14.30 10.26
CA LEU B 253 32.04 15.08 9.14
C LEU B 253 33.27 14.46 8.47
N LYS B 254 34.11 13.80 9.27
CA LYS B 254 35.31 13.14 8.73
C LYS B 254 34.93 12.18 7.61
N ARG B 255 33.74 11.60 7.72
CA ARG B 255 33.16 10.69 6.72
C ARG B 255 33.09 11.28 5.32
N ILE B 256 32.84 12.59 5.21
CA ILE B 256 32.85 13.24 3.90
C ILE B 256 33.95 14.26 3.73
N TRP B 257 34.92 14.28 4.64
CA TRP B 257 36.01 15.26 4.51
C TRP B 257 37.03 14.81 3.46
N ASN B 258 37.47 15.75 2.62
CA ASN B 258 38.45 15.44 1.59
C ASN B 258 39.92 15.34 2.06
N TRP B 259 40.27 14.19 2.61
CA TRP B 259 41.59 13.92 3.19
C TRP B 259 42.77 14.33 2.32
N ARG B 260 42.54 14.43 1.01
CA ARG B 260 43.58 14.85 0.09
C ARG B 260 43.84 16.35 0.26
#